data_6AFL
#
_entry.id   6AFL
#
_cell.length_a   75.170
_cell.length_b   75.170
_cell.length_c   75.320
_cell.angle_alpha   90.00
_cell.angle_beta   90.00
_cell.angle_gamma   120.00
#
_symmetry.space_group_name_H-M   'P 31 2 1'
#
loop_
_entity.id
_entity.type
_entity.pdbx_description
1 polymer 'Protein/nucleic acid deglycase DJ-1'
2 non-polymer 5-fluoranyl-1-(2-phenylethyl)indole-2,3-dione
3 non-polymer 'CHLORIDE ION'
4 water water
#
_entity_poly.entity_id   1
_entity_poly.type   'polypeptide(L)'
_entity_poly.pdbx_seq_one_letter_code
;MASKRALVILAKGAEEMETVIPVDVMRRAGIKVTVAGLAGKDPVQCSRDVVICPDASLEDAKKEGPYDVVVLPGGNLGAQ
NLSESAAVKEILKEQENRKGLIAAICAGPTALLAHEIGFGSKVTTHPLAKDKMMNGGHYTYSENRVEKDGLILTSRGPGT
SFEFALAIVEALNGKEVAAQVKAPLVLKD
;
_entity_poly.pdbx_strand_id   A
#
# COMPACT_ATOMS: atom_id res chain seq x y z
N ALA A 2 3.60 15.92 15.65
CA ALA A 2 3.35 14.49 16.00
C ALA A 2 3.63 13.61 14.77
N SER A 3 4.08 12.41 15.05
CA SER A 3 4.47 11.52 13.97
C SER A 3 3.27 10.98 13.19
N LYS A 4 3.47 10.87 11.90
CA LYS A 4 2.48 10.17 11.03
C LYS A 4 2.54 8.64 11.25
N ARG A 5 1.42 7.99 10.92
CA ARG A 5 1.17 6.59 11.21
C ARG A 5 0.72 5.92 9.90
N ALA A 6 1.29 4.75 9.66
CA ALA A 6 1.01 3.91 8.50
C ALA A 6 0.54 2.51 8.90
N LEU A 7 -0.51 2.07 8.22
CA LEU A 7 -0.99 0.71 8.31
C LEU A 7 -0.65 -0.03 7.04
N VAL A 8 0.17 -1.08 7.17
CA VAL A 8 0.52 -1.95 6.06
C VAL A 8 -0.17 -3.29 6.26
N ILE A 9 -1.09 -3.60 5.35
CA ILE A 9 -1.86 -4.84 5.45
C ILE A 9 -1.18 -5.98 4.75
N LEU A 10 -0.83 -6.98 5.56
CA LEU A 10 -0.03 -8.11 5.11
C LEU A 10 -0.84 -9.41 5.08
N ALA A 11 -1.06 -9.88 3.87
CA ALA A 11 -1.75 -11.14 3.53
C ALA A 11 -0.84 -12.21 2.95
N LYS A 12 -1.21 -13.48 3.17
CA LYS A 12 -0.57 -14.57 2.51
C LYS A 12 -0.49 -14.34 1.00
N GLY A 13 0.73 -14.56 0.45
CA GLY A 13 0.94 -14.36 -0.96
C GLY A 13 1.29 -12.91 -1.32
N ALA A 14 1.49 -12.04 -0.33
CA ALA A 14 1.96 -10.67 -0.57
C ALA A 14 3.34 -10.76 -1.21
N GLU A 15 3.66 -9.79 -2.06
CA GLU A 15 5.02 -9.68 -2.59
C GLU A 15 5.88 -9.10 -1.47
N GLU A 16 6.82 -9.89 -0.96
CA GLU A 16 7.62 -9.49 0.18
C GLU A 16 8.47 -8.25 -0.06
N MET A 17 8.98 -8.05 -1.29
CA MET A 17 9.74 -6.87 -1.57
C MET A 17 8.86 -5.61 -1.47
N GLU A 18 7.64 -5.73 -1.97
CA GLU A 18 6.68 -4.62 -1.95
C GLU A 18 6.10 -4.34 -0.55
N THR A 19 6.32 -5.29 0.37
CA THR A 19 5.95 -5.12 1.77
C THR A 19 7.11 -4.45 2.53
N VAL A 20 8.30 -5.08 2.44
CA VAL A 20 9.45 -4.65 3.21
C VAL A 20 10.02 -3.29 2.78
N ILE A 21 10.08 -3.01 1.48
CA ILE A 21 10.64 -1.74 1.05
C ILE A 21 9.83 -0.55 1.63
N PRO A 22 8.49 -0.55 1.45
CA PRO A 22 7.75 0.56 2.04
C PRO A 22 7.81 0.63 3.58
N VAL A 23 7.78 -0.51 4.24
CA VAL A 23 7.85 -0.51 5.73
C VAL A 23 9.17 0.14 6.19
N ASP A 24 10.26 -0.31 5.57
CA ASP A 24 11.60 0.13 5.95
C ASP A 24 11.77 1.64 5.64
N VAL A 25 11.49 2.03 4.39
CA VAL A 25 11.62 3.41 3.97
C VAL A 25 10.73 4.34 4.83
N MET A 26 9.49 3.94 5.12
CA MET A 26 8.64 4.75 5.97
C MET A 26 9.17 4.89 7.38
N ARG A 27 9.73 3.81 7.93
CA ARG A 27 10.38 3.91 9.26
C ARG A 27 11.62 4.80 9.24
N ARG A 28 12.39 4.74 8.14
CA ARG A 28 13.46 5.68 7.96
C ARG A 28 13.02 7.13 8.00
N ALA A 29 11.79 7.35 7.52
CA ALA A 29 11.20 8.71 7.50
C ALA A 29 10.58 9.12 8.85
N GLY A 30 10.67 8.26 9.85
CA GLY A 30 10.13 8.58 11.18
C GLY A 30 8.62 8.35 11.26
N ILE A 31 8.07 7.62 10.28
CA ILE A 31 6.67 7.22 10.32
C ILE A 31 6.53 6.03 11.24
N LYS A 32 5.47 6.05 12.06
CA LYS A 32 5.12 4.87 12.87
C LYS A 32 4.33 3.88 12.06
N VAL A 33 4.97 2.76 11.75
CA VAL A 33 4.41 1.76 10.86
C VAL A 33 3.94 0.53 11.60
N THR A 34 2.69 0.18 11.34
CA THR A 34 2.15 -1.09 11.79
C THR A 34 1.98 -2.09 10.67
N VAL A 35 2.74 -3.17 10.73
CA VAL A 35 2.58 -4.33 9.84
C VAL A 35 1.48 -5.22 10.45
N ALA A 36 0.33 -5.23 9.78
CA ALA A 36 -0.89 -5.86 10.33
C ALA A 36 -1.25 -7.11 9.51
N GLY A 37 -1.30 -8.27 10.17
CA GLY A 37 -1.60 -9.51 9.51
C GLY A 37 -3.09 -9.63 9.25
N LEU A 38 -3.43 -9.79 7.97
CA LEU A 38 -4.79 -9.95 7.55
C LEU A 38 -5.46 -11.11 8.35
N ALA A 39 -4.79 -12.25 8.42
CA ALA A 39 -5.37 -13.47 8.98
C ALA A 39 -5.25 -13.60 10.49
N GLY A 40 -4.60 -12.64 11.13
CA GLY A 40 -4.30 -12.74 12.58
C GLY A 40 -2.86 -12.37 12.88
N LYS A 41 -2.36 -12.84 14.01
CA LYS A 41 -1.10 -12.38 14.58
C LYS A 41 0.07 -13.26 14.08
N ASP A 42 -0.25 -14.36 13.39
CA ASP A 42 0.72 -15.37 13.05
C ASP A 42 1.60 -14.97 11.85
N PRO A 43 2.77 -15.61 11.73
CA PRO A 43 3.67 -15.26 10.63
C PRO A 43 3.01 -15.45 9.27
N VAL A 44 3.43 -14.64 8.30
CA VAL A 44 2.80 -14.65 6.99
C VAL A 44 3.81 -15.14 5.95
N GLN A 45 3.40 -16.16 5.21
CA GLN A 45 4.14 -16.70 4.09
C GLN A 45 3.92 -15.88 2.81
N CYS A 46 4.94 -15.11 2.45
CA CYS A 46 4.86 -14.25 1.27
C CYS A 46 5.03 -15.08 -0.01
N SER A 47 4.82 -14.39 -1.15
CA SER A 47 4.80 -14.98 -2.46
C SER A 47 6.04 -15.82 -2.83
N ARG A 48 7.22 -15.34 -2.43
CA ARG A 48 8.50 -16.01 -2.65
C ARG A 48 9.01 -16.68 -1.36
N ASP A 49 8.08 -17.06 -0.50
CA ASP A 49 8.37 -17.86 0.66
C ASP A 49 9.14 -17.19 1.81
N VAL A 50 9.40 -15.88 1.73
CA VAL A 50 9.89 -15.16 2.87
C VAL A 50 8.73 -15.11 3.89
N VAL A 51 9.06 -15.36 5.16
CA VAL A 51 8.07 -15.41 6.23
C VAL A 51 8.30 -14.20 7.17
N ILE A 52 7.27 -13.37 7.24
CA ILE A 52 7.31 -12.15 8.00
C ILE A 52 6.32 -12.26 9.17
N CYS A 53 6.78 -11.85 10.34
CA CYS A 53 5.99 -11.80 11.56
C CYS A 53 5.37 -10.41 11.70
N PRO A 54 4.02 -10.32 11.57
CA PRO A 54 3.37 -9.03 11.68
C PRO A 54 3.48 -8.46 13.09
N ASP A 55 3.42 -7.14 13.18
CA ASP A 55 3.44 -6.46 14.44
C ASP A 55 2.16 -6.69 15.26
N ALA A 56 1.07 -6.98 14.56
CA ALA A 56 -0.26 -7.13 15.14
C ALA A 56 -1.19 -7.79 14.12
N SER A 57 -2.32 -8.32 14.59
CA SER A 57 -3.42 -8.69 13.71
C SER A 57 -4.04 -7.40 13.17
N LEU A 58 -4.66 -7.52 11.99
CA LEU A 58 -5.47 -6.42 11.45
C LEU A 58 -6.59 -5.96 12.42
N GLU A 59 -7.25 -6.96 12.99
CA GLU A 59 -8.33 -6.73 13.97
C GLU A 59 -7.82 -5.81 15.07
N ASP A 60 -6.66 -6.13 15.62
CA ASP A 60 -6.07 -5.28 16.64
C ASP A 60 -5.60 -3.93 16.13
N ALA A 61 -4.93 -3.91 14.99
CA ALA A 61 -4.41 -2.66 14.47
C ALA A 61 -5.54 -1.68 14.14
N LYS A 62 -6.67 -2.22 13.67
CA LYS A 62 -7.81 -1.36 13.31
C LYS A 62 -8.26 -0.53 14.53
N LYS A 63 -8.18 -1.17 15.68
CA LYS A 63 -8.65 -0.54 16.91
C LYS A 63 -7.78 0.66 17.30
N GLU A 64 -6.54 0.69 16.81
CA GLU A 64 -5.62 1.82 17.05
C GLU A 64 -5.64 2.84 15.91
N GLY A 65 -6.56 2.72 14.97
CA GLY A 65 -6.70 3.71 13.89
C GLY A 65 -7.23 5.05 14.36
N PRO A 66 -7.42 6.00 13.44
CA PRO A 66 -7.10 5.82 12.01
C PRO A 66 -5.62 6.16 11.71
N TYR A 67 -5.23 5.90 10.46
CA TYR A 67 -3.85 6.01 10.02
C TYR A 67 -3.75 7.08 8.95
N ASP A 68 -2.58 7.71 8.83
CA ASP A 68 -2.34 8.73 7.83
C ASP A 68 -2.21 8.13 6.42
N VAL A 69 -1.86 6.85 6.37
CA VAL A 69 -1.84 6.06 5.12
C VAL A 69 -2.20 4.60 5.41
N VAL A 70 -2.94 4.00 4.47
CA VAL A 70 -3.16 2.58 4.44
C VAL A 70 -2.48 2.08 3.17
N VAL A 71 -1.59 1.11 3.38
CA VAL A 71 -0.72 0.60 2.32
C VAL A 71 -1.07 -0.84 1.99
N LEU A 72 -1.31 -1.08 0.70
CA LEU A 72 -1.65 -2.39 0.16
C LEU A 72 -0.47 -2.85 -0.74
N PRO A 73 0.38 -3.75 -0.22
CA PRO A 73 1.36 -4.41 -1.10
C PRO A 73 0.67 -5.22 -2.21
N GLY A 74 1.44 -5.60 -3.23
CA GLY A 74 0.97 -6.46 -4.27
C GLY A 74 1.29 -7.92 -4.03
N GLY A 75 1.56 -8.59 -5.16
CA GLY A 75 1.53 -10.05 -5.22
C GLY A 75 0.12 -10.44 -5.61
N ASN A 76 -0.02 -11.24 -6.67
CA ASN A 76 -1.35 -11.62 -7.15
CA ASN A 76 -1.37 -11.65 -7.10
C ASN A 76 -2.23 -12.25 -6.03
N LEU A 77 -1.67 -13.24 -5.32
CA LEU A 77 -2.42 -13.96 -4.32
C LEU A 77 -2.65 -13.07 -3.08
N GLY A 78 -1.68 -12.24 -2.73
CA GLY A 78 -1.87 -11.29 -1.63
C GLY A 78 -3.00 -10.32 -1.94
N ALA A 79 -3.00 -9.81 -3.17
CA ALA A 79 -4.02 -8.84 -3.58
C ALA A 79 -5.40 -9.48 -3.63
N GLN A 80 -5.48 -10.73 -4.07
CA GLN A 80 -6.75 -11.47 -4.06
CA GLN A 80 -6.76 -11.43 -4.09
C GLN A 80 -7.28 -11.59 -2.63
N ASN A 81 -6.39 -11.95 -1.72
CA ASN A 81 -6.78 -12.06 -0.31
C ASN A 81 -7.28 -10.70 0.24
N LEU A 82 -6.59 -9.62 -0.09
CA LEU A 82 -7.03 -8.25 0.31
C LEU A 82 -8.42 -7.93 -0.31
N SER A 83 -8.57 -8.31 -1.56
CA SER A 83 -9.80 -8.07 -2.35
C SER A 83 -11.02 -8.77 -1.78
N GLU A 84 -10.80 -9.95 -1.20
CA GLU A 84 -11.85 -10.82 -0.66
C GLU A 84 -12.26 -10.50 0.78
N SER A 85 -11.53 -9.57 1.42
CA SER A 85 -11.65 -9.30 2.85
C SER A 85 -12.64 -8.18 3.18
N ALA A 86 -13.69 -8.55 3.93
CA ALA A 86 -14.62 -7.57 4.47
C ALA A 86 -13.94 -6.58 5.40
N ALA A 87 -12.96 -7.05 6.20
CA ALA A 87 -12.23 -6.15 7.07
C ALA A 87 -11.48 -5.07 6.27
N VAL A 88 -10.83 -5.47 5.17
CA VAL A 88 -10.13 -4.49 4.34
C VAL A 88 -11.12 -3.49 3.73
N LYS A 89 -12.27 -4.00 3.26
CA LYS A 89 -13.29 -3.14 2.68
C LYS A 89 -13.61 -1.99 3.65
N GLU A 90 -13.86 -2.35 4.90
CA GLU A 90 -14.30 -1.41 5.92
C GLU A 90 -13.18 -0.40 6.19
N ILE A 91 -11.96 -0.90 6.33
CA ILE A 91 -10.81 -0.04 6.52
C ILE A 91 -10.65 0.97 5.38
N LEU A 92 -10.73 0.48 4.15
CA LEU A 92 -10.52 1.37 3.01
C LEU A 92 -11.64 2.40 2.86
N LYS A 93 -12.89 1.95 3.08
CA LYS A 93 -14.05 2.89 3.00
C LYS A 93 -13.90 3.98 4.06
N GLU A 94 -13.51 3.58 5.29
CA GLU A 94 -13.30 4.57 6.35
CA GLU A 94 -13.32 4.55 6.36
C GLU A 94 -12.20 5.54 5.96
N GLN A 95 -11.11 5.01 5.41
CA GLN A 95 -10.00 5.87 5.04
C GLN A 95 -10.37 6.88 3.95
N GLU A 96 -11.08 6.37 2.95
CA GLU A 96 -11.52 7.22 1.87
C GLU A 96 -12.47 8.31 2.40
N ASN A 97 -13.40 7.86 3.24
CA ASN A 97 -14.43 8.75 3.79
CA ASN A 97 -14.41 8.76 3.80
C ASN A 97 -13.80 9.91 4.59
N ARG A 98 -12.76 9.59 5.38
CA ARG A 98 -12.03 10.59 6.15
C ARG A 98 -10.96 11.36 5.37
N LYS A 99 -10.87 11.14 4.05
CA LYS A 99 -9.91 11.83 3.19
C LYS A 99 -8.46 11.53 3.61
N GLY A 100 -8.21 10.27 3.95
CA GLY A 100 -6.83 9.84 4.20
C GLY A 100 -6.22 9.14 3.01
N LEU A 101 -4.89 9.15 2.96
CA LEU A 101 -4.17 8.53 1.83
C LEU A 101 -4.32 7.01 1.79
N ILE A 102 -4.45 6.50 0.57
CA ILE A 102 -4.44 5.06 0.33
C ILE A 102 -3.38 4.82 -0.76
N ALA A 103 -2.47 3.88 -0.48
CA ALA A 103 -1.37 3.59 -1.38
C ALA A 103 -1.35 2.09 -1.69
N ALA A 104 -1.20 1.76 -2.97
CA ALA A 104 -1.29 0.37 -3.40
C ALA A 104 -0.34 0.14 -4.58
N ILE A 105 0.35 -1.00 -4.57
CA ILE A 105 1.38 -1.28 -5.60
C ILE A 105 1.19 -2.64 -6.26
N CYS A 106 1.51 -2.68 -7.57
CA CYS A 106 1.61 -3.92 -8.37
C CYS A 106 0.19 -4.44 -8.64
N ALA A 107 -0.19 -5.59 -8.09
CA ALA A 107 -1.62 -6.01 -8.12
C ALA A 107 -2.48 -5.44 -6.98
N GLY A 108 -1.82 -4.83 -6.00
CA GLY A 108 -2.51 -4.23 -4.86
C GLY A 108 -3.68 -3.29 -5.25
N PRO A 109 -3.52 -2.46 -6.30
CA PRO A 109 -4.63 -1.58 -6.68
C PRO A 109 -5.91 -2.33 -7.04
N THR A 110 -5.83 -3.60 -7.45
CA THR A 110 -7.04 -4.33 -7.81
C THR A 110 -7.96 -4.53 -6.60
N ALA A 111 -7.41 -4.46 -5.40
CA ALA A 111 -8.23 -4.44 -4.19
C ALA A 111 -9.11 -3.16 -4.08
N LEU A 112 -8.60 -2.04 -4.61
CA LEU A 112 -9.38 -0.81 -4.68
C LEU A 112 -10.57 -1.02 -5.54
N LEU A 113 -10.36 -1.67 -6.70
CA LEU A 113 -11.52 -2.03 -7.52
C LEU A 113 -12.52 -2.91 -6.79
N ALA A 114 -12.05 -4.00 -6.18
CA ALA A 114 -12.90 -4.94 -5.47
C ALA A 114 -13.78 -4.24 -4.42
N HIS A 115 -13.23 -3.23 -3.76
CA HIS A 115 -13.90 -2.57 -2.66
C HIS A 115 -14.51 -1.23 -3.07
N GLU A 116 -14.54 -0.98 -4.37
CA GLU A 116 -15.13 0.25 -4.97
C GLU A 116 -14.55 1.56 -4.39
N ILE A 117 -13.20 1.61 -4.31
CA ILE A 117 -12.49 2.73 -3.73
C ILE A 117 -11.84 3.59 -4.83
N GLY A 118 -12.01 4.92 -4.73
CA GLY A 118 -11.32 5.89 -5.56
C GLY A 118 -11.73 5.85 -7.03
N PHE A 119 -12.96 5.42 -7.31
CA PHE A 119 -13.42 5.41 -8.75
C PHE A 119 -13.27 6.79 -9.35
N GLY A 120 -12.82 6.79 -10.61
CA GLY A 120 -12.50 8.01 -11.31
C GLY A 120 -11.06 8.43 -11.26
N SER A 121 -10.27 7.81 -10.39
CA SER A 121 -8.87 8.17 -10.26
C SER A 121 -8.06 7.67 -11.44
N LYS A 122 -6.97 8.38 -11.71
CA LYS A 122 -5.89 7.90 -12.53
C LYS A 122 -5.04 6.97 -11.67
N VAL A 123 -4.84 5.76 -12.18
CA VAL A 123 -4.10 4.73 -11.48
C VAL A 123 -3.10 4.06 -12.40
N THR A 124 -2.07 3.47 -11.79
CA THR A 124 -1.25 2.46 -12.43
C THR A 124 -1.25 1.15 -11.62
N THR A 125 -0.80 0.11 -12.29
CA THR A 125 -0.65 -1.22 -11.72
C THR A 125 0.54 -1.89 -12.38
N HIS A 126 0.81 -3.10 -11.92
CA HIS A 126 1.71 -3.94 -12.72
C HIS A 126 1.10 -4.06 -14.14
N PRO A 127 1.96 -4.12 -15.16
CA PRO A 127 1.37 -4.31 -16.51
C PRO A 127 0.42 -5.53 -16.63
N LEU A 128 0.73 -6.63 -15.96
CA LEU A 128 -0.09 -7.87 -16.04
C LEU A 128 -1.44 -7.74 -15.30
N ALA A 129 -1.56 -6.74 -14.39
CA ALA A 129 -2.77 -6.48 -13.61
C ALA A 129 -3.68 -5.40 -14.27
N LYS A 130 -3.25 -4.83 -15.40
CA LYS A 130 -4.02 -3.74 -16.03
C LYS A 130 -5.46 -4.17 -16.36
N ASP A 131 -5.62 -5.33 -17.03
CA ASP A 131 -6.93 -5.67 -17.49
C ASP A 131 -7.90 -5.89 -16.35
N LYS A 132 -7.43 -6.52 -15.26
CA LYS A 132 -8.23 -6.73 -14.07
C LYS A 132 -8.66 -5.38 -13.48
N MET A 133 -7.68 -4.48 -13.33
CA MET A 133 -7.94 -3.14 -12.75
C MET A 133 -8.97 -2.34 -13.58
N MET A 134 -8.89 -2.49 -14.90
CA MET A 134 -9.67 -1.71 -15.84
C MET A 134 -11.02 -2.32 -16.19
N ASN A 135 -11.38 -3.45 -15.56
CA ASN A 135 -12.66 -4.11 -15.82
C ASN A 135 -13.80 -3.19 -15.42
N GLY A 136 -14.54 -2.72 -16.41
CA GLY A 136 -15.64 -1.78 -16.19
C GLY A 136 -15.25 -0.32 -16.43
N GLY A 137 -13.96 -0.05 -16.67
CA GLY A 137 -13.50 1.31 -16.93
C GLY A 137 -13.70 2.34 -15.81
N HIS A 138 -13.58 1.87 -14.58
CA HIS A 138 -13.84 2.69 -13.39
C HIS A 138 -12.73 3.66 -13.03
N TYR A 139 -11.55 3.45 -13.63
CA TYR A 139 -10.37 4.25 -13.42
C TYR A 139 -9.81 4.59 -14.78
N THR A 140 -8.89 5.56 -14.79
CA THR A 140 -8.16 5.89 -15.96
C THR A 140 -6.73 5.39 -15.76
N TYR A 141 -6.22 4.68 -16.78
CA TYR A 141 -4.95 3.97 -16.63
C TYR A 141 -3.74 4.80 -17.02
N SER A 142 -2.67 4.62 -16.26
CA SER A 142 -1.44 5.35 -16.43
C SER A 142 -0.27 4.36 -16.46
N GLU A 143 0.76 4.64 -17.27
CA GLU A 143 1.99 3.89 -17.29
C GLU A 143 3.12 4.56 -16.47
N ASN A 144 2.81 5.64 -15.75
CA ASN A 144 3.75 6.23 -14.81
C ASN A 144 4.19 5.24 -13.76
N ARG A 145 5.45 5.33 -13.36
CA ARG A 145 6.00 4.36 -12.40
C ARG A 145 5.33 4.49 -11.04
N VAL A 146 5.04 5.74 -10.66
CA VAL A 146 4.17 6.08 -9.54
C VAL A 146 3.12 7.07 -10.06
N GLU A 147 1.87 6.83 -9.65
CA GLU A 147 0.75 7.72 -10.01
C GLU A 147 0.09 8.16 -8.71
N LYS A 148 -0.09 9.45 -8.57
CA LYS A 148 -0.80 9.97 -7.42
C LYS A 148 -1.90 10.87 -7.93
N ASP A 149 -3.13 10.46 -7.67
CA ASP A 149 -4.32 11.25 -8.01
C ASP A 149 -5.03 11.54 -6.70
N GLY A 150 -4.74 12.73 -6.15
CA GLY A 150 -5.23 13.10 -4.84
C GLY A 150 -4.80 12.09 -3.80
N LEU A 151 -5.76 11.46 -3.14
CA LEU A 151 -5.48 10.55 -2.01
C LEU A 151 -5.36 9.09 -2.42
N ILE A 152 -5.24 8.87 -3.74
CA ILE A 152 -5.05 7.53 -4.30
C ILE A 152 -3.67 7.48 -4.96
N LEU A 153 -2.79 6.66 -4.36
CA LEU A 153 -1.37 6.64 -4.77
C LEU A 153 -1.08 5.24 -5.19
N THR A 154 -0.66 5.06 -6.45
CA THR A 154 -0.48 3.70 -6.96
C THR A 154 0.91 3.56 -7.63
N SER A 155 1.37 2.33 -7.77
CA SER A 155 2.67 2.10 -8.40
C SER A 155 2.69 0.69 -9.02
N ARG A 156 3.75 0.38 -9.75
CA ARG A 156 3.73 -0.76 -10.69
C ARG A 156 4.30 -2.10 -10.23
N GLY A 157 5.39 -2.14 -9.48
CA GLY A 157 6.02 -3.44 -9.21
C GLY A 157 7.19 -3.34 -8.27
N PRO A 158 7.88 -4.48 -8.04
CA PRO A 158 9.01 -4.47 -7.10
C PRO A 158 10.01 -3.37 -7.43
N GLY A 159 10.31 -3.21 -8.73
CA GLY A 159 11.24 -2.23 -9.20
C GLY A 159 10.83 -0.78 -9.10
N THR A 160 9.54 -0.52 -8.74
CA THR A 160 9.09 0.84 -8.47
C THR A 160 8.83 1.05 -6.97
N SER A 161 9.21 0.07 -6.13
CA SER A 161 8.85 0.08 -4.69
C SER A 161 9.53 1.21 -3.96
N PHE A 162 10.79 1.52 -4.31
CA PHE A 162 11.45 2.66 -3.64
C PHE A 162 10.77 3.99 -3.99
N GLU A 163 10.46 4.16 -5.26
CA GLU A 163 9.78 5.38 -5.74
C GLU A 163 8.39 5.51 -5.03
N PHE A 164 7.68 4.39 -4.92
CA PHE A 164 6.34 4.32 -4.29
C PHE A 164 6.47 4.72 -2.84
N ALA A 165 7.48 4.13 -2.15
CA ALA A 165 7.65 4.41 -0.74
C ALA A 165 8.00 5.88 -0.51
N LEU A 166 8.90 6.41 -1.33
CA LEU A 166 9.34 7.77 -1.20
C LEU A 166 8.21 8.75 -1.54
N ALA A 167 7.31 8.34 -2.42
CA ALA A 167 6.12 9.15 -2.72
C ALA A 167 5.18 9.24 -1.51
N ILE A 168 5.06 8.13 -0.79
CA ILE A 168 4.31 8.09 0.44
C ILE A 168 4.95 9.04 1.49
N VAL A 169 6.26 8.91 1.66
CA VAL A 169 6.98 9.79 2.55
C VAL A 169 6.79 11.26 2.20
N GLU A 170 6.91 11.59 0.92
CA GLU A 170 6.72 12.98 0.46
C GLU A 170 5.30 13.48 0.78
N ALA A 171 4.32 12.64 0.54
CA ALA A 171 2.91 12.98 0.80
C ALA A 171 2.65 13.25 2.29
N LEU A 172 3.30 12.48 3.19
CA LEU A 172 3.04 12.59 4.63
C LEU A 172 3.97 13.61 5.31
N ASN A 173 5.25 13.57 4.93
CA ASN A 173 6.29 14.31 5.63
C ASN A 173 7.01 15.41 4.84
N GLY A 174 6.66 15.56 3.55
CA GLY A 174 7.27 16.57 2.72
C GLY A 174 8.46 16.16 1.89
N LYS A 175 8.75 16.97 0.88
CA LYS A 175 9.80 16.74 -0.09
C LYS A 175 11.17 16.69 0.59
N GLU A 176 11.45 17.56 1.59
CA GLU A 176 12.78 17.64 2.17
CA GLU A 176 12.81 17.62 2.14
C GLU A 176 13.10 16.34 2.93
N VAL A 177 12.15 15.86 3.74
CA VAL A 177 12.30 14.57 4.44
C VAL A 177 12.51 13.43 3.43
N ALA A 178 11.66 13.37 2.40
CA ALA A 178 11.82 12.33 1.35
C ALA A 178 13.26 12.36 0.75
N ALA A 179 13.77 13.57 0.50
CA ALA A 179 15.12 13.70 -0.11
C ALA A 179 16.17 13.21 0.88
N GLN A 180 16.00 13.60 2.16
CA GLN A 180 16.94 13.17 3.19
CA GLN A 180 16.96 13.16 3.16
C GLN A 180 17.01 11.61 3.38
N VAL A 181 15.82 11.03 3.34
CA VAL A 181 15.71 9.59 3.48
C VAL A 181 16.28 8.87 2.25
N LYS A 182 16.05 9.46 1.09
CA LYS A 182 16.51 8.89 -0.18
C LYS A 182 18.04 8.78 -0.30
N ALA A 183 18.75 9.85 0.11
CA ALA A 183 20.16 9.97 -0.22
C ALA A 183 21.01 8.74 0.27
N PRO A 184 20.81 8.30 1.51
CA PRO A 184 21.63 7.14 1.97
C PRO A 184 21.29 5.78 1.34
N LEU A 185 20.18 5.71 0.60
CA LEU A 185 19.78 4.47 0.00
C LEU A 185 20.59 4.03 -1.23
N VAL A 186 21.33 4.97 -1.83
CA VAL A 186 22.10 4.68 -3.04
C VAL A 186 21.20 4.28 -4.21
N LEU A 187 20.14 5.07 -4.40
CA LEU A 187 19.25 4.88 -5.54
C LEU A 187 19.85 5.46 -6.80
N LYS A 188 19.49 4.93 -7.97
CA LYS A 188 20.01 5.48 -9.23
C LYS A 188 19.24 6.78 -9.53
#